data_2BDR
#
_entry.id   2BDR
#
_cell.length_a   83.027
_cell.length_b   55.268
_cell.length_c   81.843
_cell.angle_alpha   90.00
_cell.angle_beta   93.98
_cell.angle_gamma   90.00
#
_symmetry.space_group_name_H-M   'C 1 2 1'
#
loop_
_entity.id
_entity.type
_entity.pdbx_description
1 polymer 'Ureidoglycolate hydrolase'
2 non-polymer 'SODIUM ION'
3 water water
#
_entity_poly.entity_id   1
_entity_poly.type   'polypeptide(L)'
_entity_poly.pdbx_seq_one_letter_code
;(MSE)RTL(MSE)IEPLTKEAFAQFGDVIETDGSDHF(MSE)INNGST(MSE)RFHKLATVETAEPEDKAIISIFRADAQ
D(MSE)PLTVR(MSE)LERHPLGSQAFIPLLGNPFLIVVAPVGDAPVSGLVRAFRSNGRQGVNYHRGVWHHPVLTIEKRD
DFLVVDRSGSGNNCDEHYFTEEQ(MSE)LILNPHQLEHHHHHH
;
_entity_poly.pdbx_strand_id   A,B
#
# COMPACT_ATOMS: atom_id res chain seq x y z
N ARG A 2 -27.46 1.09 -20.06
CA ARG A 2 -26.57 1.94 -20.84
C ARG A 2 -25.13 1.46 -20.73
N THR A 3 -24.38 1.71 -21.79
CA THR A 3 -22.99 1.31 -21.87
C THR A 3 -22.09 2.38 -21.26
N LEU A 4 -21.19 1.94 -20.37
CA LEU A 4 -20.29 2.86 -19.72
C LEU A 4 -19.17 3.32 -20.64
N ILE A 6 -15.43 4.32 -21.00
CA ILE A 6 -14.20 4.05 -20.25
C ILE A 6 -13.30 5.27 -20.32
N GLU A 7 -13.20 5.99 -19.20
CA GLU A 7 -12.40 7.21 -19.13
C GLU A 7 -11.02 6.99 -18.54
N PRO A 8 -10.00 7.68 -19.06
CA PRO A 8 -8.65 7.51 -18.50
C PRO A 8 -8.73 8.00 -17.07
N LEU A 9 -8.10 7.30 -16.14
CA LEU A 9 -8.14 7.73 -14.73
C LEU A 9 -7.28 8.98 -14.53
N THR A 10 -7.84 9.99 -13.87
CA THR A 10 -7.10 11.22 -13.57
C THR A 10 -7.58 11.74 -12.22
N LYS A 11 -6.71 12.47 -11.52
CA LYS A 11 -7.07 13.03 -10.23
C LYS A 11 -8.31 13.90 -10.33
N GLU A 12 -8.32 14.79 -11.32
CA GLU A 12 -9.44 15.71 -11.48
C GLU A 12 -10.77 15.01 -11.79
N ALA A 13 -10.75 13.99 -12.63
CA ALA A 13 -11.99 13.29 -12.99
C ALA A 13 -12.49 12.34 -11.89
N PHE A 14 -11.57 11.82 -11.08
CA PHE A 14 -11.89 10.88 -10.01
C PHE A 14 -12.16 11.54 -8.66
N ALA A 15 -11.87 12.84 -8.56
CA ALA A 15 -12.03 13.59 -7.32
C ALA A 15 -13.27 13.33 -6.48
N GLN A 16 -14.43 13.20 -7.11
CA GLN A 16 -15.68 12.96 -6.40
C GLN A 16 -15.73 11.58 -5.76
N PHE A 17 -14.89 10.67 -6.25
CA PHE A 17 -14.88 9.30 -5.75
C PHE A 17 -13.73 8.94 -4.82
N GLY A 18 -12.62 9.65 -4.92
CA GLY A 18 -11.49 9.35 -4.07
C GLY A 18 -10.21 9.98 -4.58
N ASP A 19 -9.09 9.34 -4.27
CA ASP A 19 -7.80 9.85 -4.68
C ASP A 19 -7.09 8.89 -5.62
N VAL A 20 -6.25 9.47 -6.48
CA VAL A 20 -5.47 8.68 -7.41
C VAL A 20 -4.06 8.62 -6.86
N ILE A 21 -3.58 7.40 -6.65
CA ILE A 21 -2.25 7.16 -6.11
C ILE A 21 -1.28 6.98 -7.27
N GLU A 22 -0.54 8.04 -7.57
CA GLU A 22 0.40 8.03 -8.68
C GLU A 22 1.46 9.11 -8.45
N THR A 23 2.58 9.02 -9.17
CA THR A 23 3.63 10.03 -9.03
C THR A 23 3.44 11.15 -10.04
N ASP A 24 2.94 10.82 -11.23
CA ASP A 24 2.71 11.81 -12.29
C ASP A 24 1.81 12.95 -11.85
N GLY A 25 2.30 14.18 -11.98
CA GLY A 25 1.52 15.35 -11.62
C GLY A 25 1.32 15.52 -10.12
N SER A 26 1.97 14.68 -9.33
CA SER A 26 1.83 14.76 -7.88
C SER A 26 2.94 15.55 -7.20
N ASP A 27 2.60 16.18 -6.08
CA ASP A 27 3.56 16.98 -5.32
C ASP A 27 4.48 16.07 -4.51
N HIS A 28 5.66 16.57 -4.18
CA HIS A 28 6.61 15.78 -3.40
C HIS A 28 7.70 16.67 -2.83
N PHE A 29 8.48 16.09 -1.94
CA PHE A 29 9.61 16.78 -1.35
C PHE A 29 10.69 15.73 -1.19
N ILE A 31 13.72 13.54 0.72
CA ILE A 31 14.02 12.94 2.01
C ILE A 31 15.28 12.11 1.84
N ASN A 32 15.77 11.53 2.93
CA ASN A 32 16.97 10.71 2.90
C ASN A 32 18.14 11.45 2.25
N ASN A 33 18.41 12.66 2.73
CA ASN A 33 19.49 13.49 2.23
C ASN A 33 19.45 13.77 0.74
N GLY A 34 18.25 13.80 0.18
CA GLY A 34 18.08 14.09 -1.24
C GLY A 34 18.19 12.90 -2.18
N SER A 35 18.20 11.69 -1.64
CA SER A 35 18.32 10.50 -2.46
C SER A 35 16.96 9.90 -2.81
N THR A 36 15.92 10.35 -2.11
CA THR A 36 14.58 9.83 -2.34
C THR A 36 13.53 10.94 -2.50
N ARG A 38 9.73 11.90 -2.02
CA ARG A 38 8.54 11.43 -1.33
C ARG A 38 7.29 12.11 -1.88
N PHE A 39 6.50 11.34 -2.61
CA PHE A 39 5.23 11.85 -3.14
C PHE A 39 4.30 11.59 -1.98
N HIS A 40 4.28 12.58 -1.10
CA HIS A 40 3.55 12.56 0.16
C HIS A 40 2.03 12.59 0.20
N LYS A 41 1.49 11.75 1.07
CA LYS A 41 0.06 11.68 1.35
C LYS A 41 -0.84 11.74 0.11
N LEU A 42 -0.63 10.80 -0.81
CA LEU A 42 -1.43 10.73 -2.02
C LEU A 42 -2.86 10.30 -1.65
N ALA A 43 -2.99 9.63 -0.51
CA ALA A 43 -4.29 9.19 -0.01
C ALA A 43 -4.21 9.04 1.50
N THR A 44 -5.35 9.21 2.15
CA THR A 44 -5.43 9.08 3.60
C THR A 44 -6.45 8.01 3.92
N VAL A 45 -6.09 7.09 4.81
CA VAL A 45 -7.01 6.02 5.18
C VAL A 45 -8.00 6.59 6.18
N GLU A 46 -9.29 6.53 5.88
CA GLU A 46 -10.27 7.05 6.81
C GLU A 46 -11.05 5.91 7.46
N THR A 47 -11.27 6.04 8.76
CA THR A 47 -12.00 5.04 9.52
C THR A 47 -13.10 5.74 10.32
N ALA A 48 -14.14 4.99 10.65
CA ALA A 48 -15.29 5.53 11.41
C ALA A 48 -14.91 5.93 12.83
N GLU A 49 -14.10 5.10 13.48
CA GLU A 49 -13.68 5.36 14.84
C GLU A 49 -12.16 5.23 14.96
N PRO A 50 -11.55 5.97 15.88
CA PRO A 50 -10.09 5.90 16.05
C PRO A 50 -9.63 4.52 16.49
N GLU A 51 -10.53 3.76 17.10
CA GLU A 51 -10.21 2.41 17.56
C GLU A 51 -9.98 1.49 16.36
N ASP A 52 -10.57 1.85 15.23
CA ASP A 52 -10.43 1.07 14.01
C ASP A 52 -8.97 1.02 13.58
N LYS A 53 -8.60 -0.05 12.88
CA LYS A 53 -7.23 -0.21 12.42
C LYS A 53 -7.17 -0.22 10.90
N ALA A 54 -6.09 0.32 10.34
CA ALA A 54 -5.90 0.31 8.91
C ALA A 54 -5.07 -0.95 8.66
N ILE A 55 -5.51 -1.81 7.76
CA ILE A 55 -4.79 -3.04 7.48
C ILE A 55 -4.35 -3.13 6.02
N ILE A 56 -3.28 -3.87 5.80
CA ILE A 56 -2.71 -4.08 4.47
C ILE A 56 -2.90 -5.53 4.06
N SER A 57 -3.47 -5.74 2.87
CA SER A 57 -3.71 -7.08 2.34
C SER A 57 -3.28 -7.08 0.87
N ILE A 58 -3.30 -8.25 0.26
CA ILE A 58 -3.00 -8.36 -1.16
C ILE A 58 -4.16 -9.13 -1.77
N PHE A 59 -4.70 -8.64 -2.88
CA PHE A 59 -5.79 -9.30 -3.58
C PHE A 59 -5.22 -9.89 -4.87
N ARG A 60 -5.48 -11.18 -5.11
CA ARG A 60 -5.05 -11.81 -6.35
C ARG A 60 -6.37 -12.11 -7.03
N ALA A 61 -6.75 -11.27 -7.98
CA ALA A 61 -8.02 -11.40 -8.66
C ALA A 61 -7.96 -11.90 -10.09
N ASP A 62 -8.97 -12.68 -10.46
CA ASP A 62 -9.07 -13.21 -11.81
C ASP A 62 -9.99 -12.29 -12.58
N ALA A 63 -9.78 -12.22 -13.90
CA ALA A 63 -10.60 -11.39 -14.76
C ALA A 63 -12.03 -11.90 -14.83
N GLN A 64 -12.95 -10.99 -15.08
CA GLN A 64 -14.36 -11.35 -15.20
C GLN A 64 -14.64 -11.39 -16.70
N ASP A 65 -15.60 -12.19 -17.12
CA ASP A 65 -15.93 -12.27 -18.54
C ASP A 65 -16.46 -10.92 -19.00
N PRO A 67 -18.18 -8.71 -22.38
CA PRO A 67 -18.49 -7.46 -21.69
C PRO A 67 -19.16 -7.84 -20.39
N LEU A 68 -18.99 -7.01 -19.38
CA LEU A 68 -19.56 -7.27 -18.07
C LEU A 68 -20.83 -6.47 -17.87
N THR A 69 -21.84 -7.13 -17.31
CA THR A 69 -23.10 -6.47 -17.02
C THR A 69 -23.00 -6.09 -15.55
N VAL A 70 -22.86 -4.79 -15.28
CA VAL A 70 -22.76 -4.30 -13.91
C VAL A 70 -24.15 -4.45 -13.30
N ARG A 71 -24.29 -5.43 -12.42
CA ARG A 71 -25.56 -5.71 -11.76
C ARG A 71 -25.63 -5.16 -10.34
N LEU A 73 -23.22 -2.81 -6.98
CA LEU A 73 -22.10 -2.02 -6.51
C LEU A 73 -22.11 -2.17 -5.00
N GLU A 74 -20.95 -1.95 -4.38
CA GLU A 74 -20.87 -2.07 -2.94
C GLU A 74 -20.20 -0.82 -2.39
N ARG A 75 -20.34 -0.61 -1.09
CA ARG A 75 -19.73 0.53 -0.44
C ARG A 75 -19.30 0.13 0.95
N HIS A 76 -18.35 0.88 1.50
CA HIS A 76 -17.84 0.65 2.84
C HIS A 76 -18.18 1.91 3.61
N PRO A 77 -19.32 1.90 4.31
CA PRO A 77 -19.71 3.09 5.07
C PRO A 77 -18.81 3.49 6.24
N LEU A 78 -17.96 2.56 6.68
CA LEU A 78 -17.09 2.85 7.82
C LEU A 78 -15.60 3.05 7.50
N GLY A 79 -15.23 3.02 6.23
CA GLY A 79 -13.82 3.21 5.91
C GLY A 79 -13.52 3.33 4.44
N SER A 80 -12.34 3.85 4.13
CA SER A 80 -11.89 3.98 2.76
C SER A 80 -11.28 2.64 2.37
N GLN A 81 -11.00 2.48 1.09
CA GLN A 81 -10.37 1.25 0.62
C GLN A 81 -9.53 1.61 -0.60
N ALA A 82 -8.25 1.27 -0.52
CA ALA A 82 -7.33 1.56 -1.61
C ALA A 82 -6.84 0.32 -2.33
N PHE A 83 -6.70 0.44 -3.65
CA PHE A 83 -6.21 -0.61 -4.53
C PHE A 83 -5.02 -0.06 -5.29
N ILE A 84 -3.87 -0.70 -5.16
CA ILE A 84 -2.67 -0.27 -5.85
C ILE A 84 -2.10 -1.43 -6.65
N PRO A 85 -1.95 -1.28 -7.99
CA PRO A 85 -1.40 -2.38 -8.79
C PRO A 85 0.00 -2.75 -8.32
N LEU A 86 0.31 -4.04 -8.33
CA LEU A 86 1.61 -4.51 -7.92
C LEU A 86 2.43 -5.02 -9.10
N LEU A 87 1.75 -5.35 -10.19
CA LEU A 87 2.43 -5.89 -11.36
C LEU A 87 2.49 -4.91 -12.54
N GLY A 88 2.14 -3.65 -12.27
CA GLY A 88 2.20 -2.64 -13.31
C GLY A 88 1.12 -2.74 -14.38
N ASN A 89 0.12 -3.58 -14.14
CA ASN A 89 -0.94 -3.75 -15.12
C ASN A 89 -2.10 -2.78 -15.02
N PRO A 90 -2.62 -2.34 -16.17
CA PRO A 90 -3.76 -1.42 -16.13
C PRO A 90 -4.95 -2.23 -15.65
N PHE A 91 -5.96 -1.56 -15.09
CA PHE A 91 -7.15 -2.25 -14.64
C PHE A 91 -8.34 -1.32 -14.72
N LEU A 92 -9.54 -1.87 -14.55
CA LEU A 92 -10.75 -1.07 -14.64
C LEU A 92 -11.37 -0.76 -13.29
N ILE A 93 -12.09 0.35 -13.24
CA ILE A 93 -12.72 0.85 -12.03
C ILE A 93 -14.15 1.33 -12.33
N VAL A 94 -15.11 0.86 -11.56
CA VAL A 94 -16.50 1.29 -11.74
C VAL A 94 -16.97 1.86 -10.41
N VAL A 95 -17.45 3.11 -10.46
CA VAL A 95 -17.87 3.81 -9.26
C VAL A 95 -19.11 4.68 -9.46
N ALA A 96 -19.70 5.09 -8.34
CA ALA A 96 -20.88 5.96 -8.33
C ALA A 96 -20.74 6.84 -7.09
N PRO A 97 -21.26 8.08 -7.15
CA PRO A 97 -21.18 9.01 -6.02
C PRO A 97 -21.87 8.50 -4.75
N VAL A 98 -21.48 9.06 -3.61
CA VAL A 98 -22.09 8.67 -2.35
C VAL A 98 -23.60 8.91 -2.40
N GLY A 99 -24.35 8.14 -1.63
CA GLY A 99 -25.80 8.28 -1.61
C GLY A 99 -26.44 7.03 -1.02
N ASP A 100 -27.69 7.15 -0.58
CA ASP A 100 -28.38 6.00 0.01
C ASP A 100 -28.33 4.80 -0.92
N ALA A 101 -28.34 5.08 -2.22
CA ALA A 101 -28.27 4.04 -3.23
C ALA A 101 -27.53 4.62 -4.42
N PRO A 102 -26.71 3.81 -5.10
CA PRO A 102 -25.98 4.31 -6.27
C PRO A 102 -26.95 4.66 -7.37
N VAL A 103 -26.75 5.83 -7.98
CA VAL A 103 -27.61 6.28 -9.08
C VAL A 103 -27.02 5.73 -10.37
N SER A 104 -27.79 4.88 -11.06
CA SER A 104 -27.34 4.27 -12.29
C SER A 104 -26.77 5.27 -13.30
N GLY A 105 -27.48 6.36 -13.49
CA GLY A 105 -27.06 7.38 -14.45
C GLY A 105 -25.80 8.15 -14.07
N LEU A 106 -25.29 7.94 -12.87
CA LEU A 106 -24.09 8.62 -12.43
C LEU A 106 -22.91 7.65 -12.36
N VAL A 107 -23.15 6.39 -12.69
CA VAL A 107 -22.07 5.40 -12.65
C VAL A 107 -21.00 5.72 -13.69
N ARG A 108 -19.74 5.58 -13.28
CA ARG A 108 -18.59 5.88 -14.12
C ARG A 108 -17.62 4.71 -14.20
N ALA A 109 -16.88 4.64 -15.30
CA ALA A 109 -15.88 3.61 -15.51
C ALA A 109 -14.56 4.30 -15.82
N PHE A 110 -13.50 3.88 -15.13
CA PHE A 110 -12.18 4.46 -15.33
C PHE A 110 -11.17 3.35 -15.63
N ARG A 111 -10.10 3.72 -16.33
CA ARG A 111 -9.05 2.79 -16.65
C ARG A 111 -7.73 3.32 -16.12
N SER A 112 -7.11 2.56 -15.22
CA SER A 112 -5.81 2.94 -14.66
C SER A 112 -4.77 2.57 -15.70
N ASN A 113 -3.69 3.35 -15.80
CA ASN A 113 -2.65 3.07 -16.77
C ASN A 113 -1.62 2.05 -16.28
N GLY A 114 -1.85 1.47 -15.11
CA GLY A 114 -0.92 0.49 -14.58
C GLY A 114 0.03 1.07 -13.54
N ARG A 115 0.20 2.39 -13.57
CA ARG A 115 1.07 3.07 -12.64
C ARG A 115 0.23 3.90 -11.68
N GLN A 116 -1.07 3.65 -11.69
CA GLN A 116 -2.00 4.38 -10.84
C GLN A 116 -2.84 3.49 -9.95
N GLY A 117 -2.93 3.87 -8.68
CA GLY A 117 -3.76 3.13 -7.76
C GLY A 117 -4.91 4.06 -7.44
N VAL A 118 -5.89 3.59 -6.68
CA VAL A 118 -7.01 4.44 -6.30
C VAL A 118 -7.40 4.20 -4.86
N ASN A 119 -7.93 5.23 -4.22
CA ASN A 119 -8.41 5.10 -2.85
C ASN A 119 -9.85 5.59 -2.88
N TYR A 120 -10.78 4.67 -2.64
CA TYR A 120 -12.20 5.00 -2.63
C TYR A 120 -12.56 5.63 -1.29
N HIS A 121 -13.14 6.82 -1.32
CA HIS A 121 -13.52 7.48 -0.09
C HIS A 121 -14.63 6.70 0.60
N ARG A 122 -14.72 6.87 1.90
CA ARG A 122 -15.73 6.21 2.71
C ARG A 122 -17.11 6.47 2.12
N GLY A 123 -17.90 5.41 1.92
CA GLY A 123 -19.23 5.56 1.38
C GLY A 123 -19.38 5.55 -0.13
N VAL A 124 -18.27 5.69 -0.85
CA VAL A 124 -18.33 5.70 -2.31
C VAL A 124 -18.68 4.32 -2.85
N TRP A 125 -19.66 4.27 -3.76
CA TRP A 125 -20.07 3.00 -4.35
C TRP A 125 -19.08 2.56 -5.40
N HIS A 126 -18.75 1.28 -5.40
CA HIS A 126 -17.80 0.75 -6.37
C HIS A 126 -17.99 -0.74 -6.60
N HIS A 127 -17.49 -1.20 -7.73
CA HIS A 127 -17.62 -2.60 -8.10
C HIS A 127 -16.40 -3.40 -7.66
N PRO A 128 -16.60 -4.69 -7.33
CA PRO A 128 -15.47 -5.51 -6.92
C PRO A 128 -14.39 -5.40 -7.99
N VAL A 129 -13.13 -5.41 -7.57
CA VAL A 129 -12.00 -5.25 -8.49
C VAL A 129 -12.15 -5.90 -9.86
N LEU A 130 -11.90 -5.11 -10.91
CA LEU A 130 -12.01 -5.57 -12.28
C LEU A 130 -10.65 -5.51 -12.99
N THR A 131 -10.03 -6.67 -13.16
CA THR A 131 -8.73 -6.74 -13.82
C THR A 131 -8.91 -6.78 -15.33
N ILE A 132 -7.82 -6.48 -16.04
CA ILE A 132 -7.82 -6.52 -17.49
C ILE A 132 -7.07 -7.80 -17.86
N GLU A 133 -5.98 -8.06 -17.15
CA GLU A 133 -5.20 -9.28 -17.39
C GLU A 133 -5.95 -10.45 -16.77
N LYS A 134 -5.65 -11.67 -17.23
CA LYS A 134 -6.32 -12.86 -16.73
C LYS A 134 -6.24 -12.96 -15.21
N ARG A 135 -5.09 -12.59 -14.66
CA ARG A 135 -4.88 -12.62 -13.22
C ARG A 135 -4.02 -11.43 -12.85
N ASP A 136 -4.31 -10.79 -11.73
CA ASP A 136 -3.55 -9.62 -11.33
C ASP A 136 -3.46 -9.50 -9.80
N ASP A 137 -2.39 -8.86 -9.32
CA ASP A 137 -2.18 -8.66 -7.89
C ASP A 137 -2.33 -7.19 -7.52
N PHE A 138 -3.02 -6.94 -6.42
CA PHE A 138 -3.24 -5.58 -5.93
C PHE A 138 -2.91 -5.47 -4.45
N LEU A 139 -2.31 -4.35 -4.06
CA LEU A 139 -2.03 -4.13 -2.65
C LEU A 139 -3.29 -3.40 -2.22
N VAL A 140 -3.90 -3.85 -1.13
CA VAL A 140 -5.13 -3.24 -0.64
C VAL A 140 -4.95 -2.71 0.77
N VAL A 141 -5.42 -1.49 0.99
CA VAL A 141 -5.34 -0.86 2.30
C VAL A 141 -6.76 -0.45 2.68
N ASP A 142 -7.30 -1.08 3.73
CA ASP A 142 -8.63 -0.72 4.17
C ASP A 142 -8.82 -0.74 5.68
N ARG A 143 -10.05 -0.53 6.10
CA ARG A 143 -10.40 -0.45 7.51
C ARG A 143 -10.81 -1.77 8.16
N SER A 144 -10.30 -1.99 9.36
CA SER A 144 -10.61 -3.18 10.14
C SER A 144 -11.26 -2.73 11.45
N GLY A 145 -12.48 -3.21 11.70
CA GLY A 145 -13.17 -2.82 12.91
C GLY A 145 -14.54 -3.47 13.01
N SER A 146 -15.30 -3.09 14.03
CA SER A 146 -16.62 -3.65 14.24
C SER A 146 -17.67 -2.87 13.45
N GLY A 147 -18.89 -3.39 13.44
CA GLY A 147 -19.98 -2.74 12.73
C GLY A 147 -20.09 -3.20 11.29
N ASN A 148 -21.04 -2.62 10.58
CA ASN A 148 -21.27 -2.95 9.19
C ASN A 148 -20.42 -2.11 8.26
N ASN A 149 -19.51 -2.75 7.54
CA ASN A 149 -18.67 -2.01 6.62
C ASN A 149 -18.77 -2.49 5.18
N CYS A 150 -19.95 -2.95 4.78
CA CYS A 150 -20.15 -3.36 3.41
C CYS A 150 -21.62 -3.48 3.00
N ASP A 151 -22.08 -2.47 2.27
CA ASP A 151 -23.45 -2.45 1.76
C ASP A 151 -23.42 -2.87 0.30
N GLU A 152 -24.37 -3.70 -0.08
CA GLU A 152 -24.46 -4.17 -1.45
C GLU A 152 -25.78 -3.69 -2.05
N HIS A 153 -25.74 -3.15 -3.26
CA HIS A 153 -26.95 -2.70 -3.91
C HIS A 153 -27.06 -3.31 -5.30
N TYR A 154 -28.19 -3.95 -5.58
CA TYR A 154 -28.40 -4.57 -6.88
C TYR A 154 -29.36 -3.73 -7.70
N PHE A 155 -28.93 -3.34 -8.90
CA PHE A 155 -29.75 -2.53 -9.79
C PHE A 155 -30.87 -3.37 -10.39
N THR A 156 -31.93 -2.70 -10.84
CA THR A 156 -33.03 -3.40 -11.48
C THR A 156 -32.50 -3.67 -12.88
N GLU A 157 -33.19 -4.52 -13.65
CA GLU A 157 -32.72 -4.82 -14.99
C GLU A 157 -32.50 -3.58 -15.84
N GLU A 158 -33.44 -2.64 -15.80
CA GLU A 158 -33.31 -1.42 -16.60
C GLU A 158 -32.23 -0.47 -16.12
N GLN A 159 -31.76 -0.66 -14.89
CA GLN A 159 -30.73 0.21 -14.34
C GLN A 159 -29.33 -0.37 -14.48
N LEU A 161 -25.73 -1.59 -16.02
CA LEU A 161 -24.77 -0.95 -16.91
C LEU A 161 -23.95 -2.00 -17.65
N ILE A 162 -23.43 -1.60 -18.81
CA ILE A 162 -22.62 -2.50 -19.63
C ILE A 162 -21.19 -1.97 -19.71
N LEU A 163 -20.24 -2.83 -19.37
CA LEU A 163 -18.83 -2.48 -19.42
C LEU A 163 -18.24 -3.31 -20.55
N ASN A 164 -17.91 -2.66 -21.66
CA ASN A 164 -17.37 -3.36 -22.82
C ASN A 164 -16.01 -2.82 -23.26
N PRO A 165 -14.94 -3.22 -22.56
CA PRO A 165 -13.58 -2.78 -22.88
C PRO A 165 -13.08 -3.40 -24.17
N HIS A 166 -12.22 -2.67 -24.87
CA HIS A 166 -11.65 -3.14 -26.13
C HIS A 166 -10.14 -3.13 -26.06
N ARG B 2 32.17 -4.66 10.90
CA ARG B 2 31.54 -5.94 10.60
C ARG B 2 30.83 -5.89 9.25
N THR B 3 30.96 -6.95 8.46
CA THR B 3 30.30 -7.02 7.17
C THR B 3 29.00 -7.79 7.33
N LEU B 4 27.89 -7.13 7.01
CA LEU B 4 26.58 -7.75 7.14
C LEU B 4 26.35 -8.94 6.21
N ILE B 6 23.79 -10.84 4.04
CA ILE B 6 22.52 -10.57 3.37
C ILE B 6 21.67 -11.84 3.37
N GLU B 7 20.62 -11.85 4.18
CA GLU B 7 19.74 -13.00 4.32
C GLU B 7 18.48 -12.88 3.48
N PRO B 8 17.95 -14.01 2.98
CA PRO B 8 16.74 -13.91 2.18
C PRO B 8 15.61 -13.50 3.12
N LEU B 9 14.76 -12.59 2.67
CA LEU B 9 13.65 -12.14 3.50
C LEU B 9 12.61 -13.23 3.67
N THR B 10 12.23 -13.52 4.91
CA THR B 10 11.19 -14.51 5.20
C THR B 10 10.43 -14.04 6.43
N LYS B 11 9.18 -14.47 6.54
CA LYS B 11 8.35 -14.09 7.68
C LYS B 11 8.99 -14.47 9.01
N GLU B 12 9.44 -15.72 9.09
CA GLU B 12 10.03 -16.21 10.32
C GLU B 12 11.32 -15.50 10.73
N ALA B 13 12.18 -15.16 9.77
CA ALA B 13 13.42 -14.49 10.11
C ALA B 13 13.23 -13.00 10.40
N PHE B 14 12.19 -12.41 9.82
CA PHE B 14 11.91 -10.98 9.98
C PHE B 14 10.96 -10.66 11.14
N ALA B 15 10.39 -11.68 11.75
CA ALA B 15 9.41 -11.53 12.83
C ALA B 15 9.71 -10.51 13.94
N GLN B 16 10.97 -10.40 14.34
CA GLN B 16 11.34 -9.48 15.41
C GLN B 16 11.29 -8.03 14.97
N PHE B 17 11.29 -7.81 13.65
CA PHE B 17 11.30 -6.46 13.09
C PHE B 17 9.99 -6.00 12.47
N GLY B 18 9.14 -6.94 12.08
CA GLY B 18 7.89 -6.56 11.48
C GLY B 18 7.25 -7.69 10.70
N ASP B 19 6.45 -7.31 9.71
CA ASP B 19 5.75 -8.29 8.88
C ASP B 19 6.24 -8.26 7.45
N VAL B 20 6.14 -9.40 6.78
CA VAL B 20 6.54 -9.49 5.38
C VAL B 20 5.24 -9.49 4.58
N ILE B 21 5.11 -8.53 3.68
CA ILE B 21 3.92 -8.39 2.86
C ILE B 21 4.13 -9.16 1.56
N GLU B 22 3.59 -10.37 1.50
CA GLU B 22 3.74 -11.22 0.33
C GLU B 22 2.60 -12.24 0.30
N THR B 23 2.41 -12.88 -0.84
CA THR B 23 1.36 -13.89 -0.98
C THR B 23 1.92 -15.28 -0.67
N ASP B 24 3.18 -15.52 -1.02
CA ASP B 24 3.79 -16.82 -0.78
C ASP B 24 3.74 -17.23 0.69
N GLY B 25 3.18 -18.40 0.96
CA GLY B 25 3.08 -18.90 2.33
C GLY B 25 2.09 -18.20 3.21
N SER B 26 1.36 -17.23 2.65
CA SER B 26 0.38 -16.47 3.42
C SER B 26 -1.03 -17.06 3.31
N ASP B 27 -1.82 -16.88 4.34
CA ASP B 27 -3.19 -17.38 4.37
C ASP B 27 -4.10 -16.44 3.58
N HIS B 28 -5.20 -16.98 3.08
CA HIS B 28 -6.16 -16.18 2.33
C HIS B 28 -7.51 -16.87 2.31
N PHE B 29 -8.53 -16.10 1.94
CA PHE B 29 -9.87 -16.65 1.80
C PHE B 29 -10.44 -16.04 0.53
N ILE B 31 -13.14 -14.24 -2.05
CA ILE B 31 -14.15 -13.19 -2.06
C ILE B 31 -14.59 -12.97 -3.50
N ASN B 32 -15.56 -12.09 -3.70
CA ASN B 32 -16.08 -11.77 -5.03
C ASN B 32 -16.50 -13.02 -5.81
N ASN B 33 -17.35 -13.85 -5.21
CA ASN B 33 -17.84 -15.07 -5.84
C ASN B 33 -16.71 -16.05 -6.20
N GLY B 34 -15.69 -16.12 -5.35
CA GLY B 34 -14.58 -17.02 -5.61
C GLY B 34 -13.70 -16.62 -6.76
N SER B 35 -13.73 -15.33 -7.12
CA SER B 35 -12.93 -14.83 -8.23
C SER B 35 -11.66 -14.14 -7.75
N THR B 36 -11.63 -13.79 -6.46
CA THR B 36 -10.48 -13.11 -5.89
C THR B 36 -9.99 -13.75 -4.60
N ARG B 38 -8.17 -13.20 -1.19
CA ARG B 38 -7.81 -12.12 -0.30
C ARG B 38 -6.79 -12.59 0.73
N PHE B 39 -5.53 -12.18 0.53
CA PHE B 39 -4.46 -12.51 1.45
C PHE B 39 -4.60 -11.42 2.52
N HIS B 40 -5.48 -11.73 3.46
CA HIS B 40 -5.89 -10.86 4.54
C HIS B 40 -4.93 -10.43 5.63
N LYS B 41 -4.98 -9.14 5.95
CA LYS B 41 -4.20 -8.54 7.02
C LYS B 41 -2.76 -9.03 7.12
N LEU B 42 -1.99 -8.81 6.07
CA LEU B 42 -0.58 -9.19 6.05
C LEU B 42 0.18 -8.26 7.00
N ALA B 43 -0.39 -7.08 7.24
CA ALA B 43 0.22 -6.11 8.14
C ALA B 43 -0.85 -5.17 8.68
N THR B 44 -0.58 -4.63 9.86
CA THR B 44 -1.51 -3.70 10.47
C THR B 44 -0.75 -2.41 10.72
N VAL B 45 -1.35 -1.29 10.33
CA VAL B 45 -0.72 -0.01 10.53
C VAL B 45 -0.96 0.37 11.97
N GLU B 46 0.10 0.71 12.69
CA GLU B 46 -0.07 1.09 14.07
C GLU B 46 0.29 2.55 14.26
N THR B 47 -0.51 3.24 15.07
CA THR B 47 -0.29 4.65 15.36
C THR B 47 -0.21 4.81 16.88
N ALA B 48 0.22 5.98 17.33
CA ALA B 48 0.36 6.25 18.75
C ALA B 48 -0.85 6.94 19.37
N GLU B 49 -1.43 7.89 18.63
CA GLU B 49 -2.57 8.65 19.12
C GLU B 49 -3.81 8.46 18.26
N PRO B 50 -5.01 8.58 18.86
CA PRO B 50 -6.24 8.42 18.08
C PRO B 50 -6.41 9.47 16.98
N GLU B 51 -5.78 10.62 17.15
CA GLU B 51 -5.88 11.69 16.17
C GLU B 51 -5.02 11.38 14.94
N ASP B 52 -4.08 10.45 15.11
CA ASP B 52 -3.18 10.04 14.03
C ASP B 52 -3.92 9.44 12.85
N LYS B 53 -3.33 9.57 11.67
CA LYS B 53 -3.93 9.03 10.47
C LYS B 53 -2.93 8.15 9.72
N ALA B 54 -3.43 7.12 9.05
CA ALA B 54 -2.57 6.25 8.25
C ALA B 54 -2.63 6.86 6.87
N ILE B 55 -1.47 7.10 6.27
CA ILE B 55 -1.42 7.69 4.93
C ILE B 55 -0.66 6.83 3.95
N ILE B 56 -0.93 7.07 2.68
CA ILE B 56 -0.30 6.34 1.58
C ILE B 56 0.50 7.30 0.72
N SER B 57 1.77 6.98 0.51
CA SER B 57 2.66 7.81 -0.30
C SER B 57 3.44 6.91 -1.24
N ILE B 58 4.21 7.53 -2.13
CA ILE B 58 5.07 6.75 -3.02
C ILE B 58 6.46 7.34 -2.90
N PHE B 59 7.45 6.48 -2.74
CA PHE B 59 8.85 6.91 -2.63
C PHE B 59 9.53 6.52 -3.93
N ARG B 60 10.25 7.46 -4.52
CA ARG B 60 11.02 7.16 -5.73
C ARG B 60 12.44 7.37 -5.25
N ALA B 61 13.14 6.28 -4.98
CA ALA B 61 14.48 6.32 -4.43
C ALA B 61 15.61 5.97 -5.40
N ASP B 62 16.75 6.64 -5.23
CA ASP B 62 17.90 6.36 -6.08
C ASP B 62 18.81 5.40 -5.34
N ALA B 63 19.56 4.61 -6.10
CA ALA B 63 20.47 3.64 -5.52
C ALA B 63 21.62 4.33 -4.80
N GLN B 64 22.13 3.66 -3.77
CA GLN B 64 23.26 4.17 -3.00
C GLN B 64 24.49 3.42 -3.51
N ASP B 65 25.65 4.04 -3.39
CA ASP B 65 26.90 3.41 -3.83
C ASP B 65 27.24 2.22 -2.94
N PRO B 67 30.15 -0.90 -2.08
CA PRO B 67 29.65 -1.22 -0.74
C PRO B 67 29.23 0.02 0.04
N LEU B 68 28.20 -0.14 0.86
CA LEU B 68 27.67 0.96 1.66
C LEU B 68 28.10 0.85 3.12
N THR B 69 28.53 1.97 3.69
CA THR B 69 28.91 1.97 5.08
C THR B 69 27.67 2.39 5.88
N VAL B 70 27.13 1.45 6.65
CA VAL B 70 25.95 1.73 7.46
C VAL B 70 26.43 2.48 8.70
N ARG B 71 26.08 3.76 8.81
CA ARG B 71 26.52 4.52 9.96
C ARG B 71 25.39 5.11 10.78
N LEU B 73 20.79 4.47 11.72
CA LEU B 73 19.53 3.78 11.56
C LEU B 73 18.47 4.74 12.09
N GLU B 74 17.23 4.59 11.62
CA GLU B 74 16.15 5.45 12.08
C GLU B 74 15.02 4.61 12.62
N ARG B 75 14.16 5.23 13.41
CA ARG B 75 13.00 4.53 13.93
C ARG B 75 11.84 5.52 14.03
N HIS B 76 10.63 4.99 13.97
CA HIS B 76 9.42 5.78 14.07
C HIS B 76 8.76 5.32 15.36
N PRO B 77 9.00 6.05 16.45
CA PRO B 77 8.42 5.71 17.75
C PRO B 77 6.91 5.84 17.88
N LEU B 78 6.28 6.54 16.95
CA LEU B 78 4.84 6.75 17.01
C LEU B 78 4.02 5.97 15.97
N GLY B 79 4.67 5.10 15.20
CA GLY B 79 3.93 4.35 14.21
C GLY B 79 4.77 3.39 13.40
N SER B 80 4.09 2.53 12.64
CA SER B 80 4.75 1.57 11.77
C SER B 80 5.00 2.24 10.44
N GLN B 81 5.78 1.59 9.59
CA GLN B 81 6.05 2.10 8.27
C GLN B 81 6.25 0.92 7.33
N ALA B 82 5.43 0.88 6.28
CA ALA B 82 5.50 -0.20 5.32
C ALA B 82 6.02 0.24 3.97
N PHE B 83 6.81 -0.63 3.36
CA PHE B 83 7.40 -0.41 2.04
C PHE B 83 7.01 -1.58 1.16
N ILE B 84 6.37 -1.28 0.04
CA ILE B 84 5.96 -2.33 -0.88
C ILE B 84 6.48 -1.97 -2.27
N PRO B 85 7.27 -2.85 -2.89
CA PRO B 85 7.79 -2.57 -4.22
C PRO B 85 6.66 -2.42 -5.24
N LEU B 86 6.79 -1.48 -6.16
CA LEU B 86 5.77 -1.27 -7.17
C LEU B 86 6.22 -1.77 -8.53
N LEU B 87 7.53 -1.91 -8.71
CA LEU B 87 8.08 -2.36 -9.98
C LEU B 87 8.59 -3.79 -9.97
N GLY B 88 8.29 -4.52 -8.90
CA GLY B 88 8.71 -5.92 -8.79
C GLY B 88 10.21 -6.12 -8.65
N ASN B 89 10.92 -5.08 -8.24
CA ASN B 89 12.37 -5.20 -8.10
C ASN B 89 12.82 -5.59 -6.72
N PRO B 90 13.82 -6.48 -6.63
CA PRO B 90 14.31 -6.88 -5.32
C PRO B 90 14.98 -5.65 -4.71
N PHE B 91 15.06 -5.60 -3.39
CA PHE B 91 15.73 -4.50 -2.72
C PHE B 91 16.31 -4.96 -1.40
N LEU B 92 17.16 -4.13 -0.80
CA LEU B 92 17.81 -4.45 0.45
C LEU B 92 17.15 -3.78 1.66
N ILE B 93 17.26 -4.45 2.79
CA ILE B 93 16.66 -3.99 4.05
C ILE B 93 17.66 -4.15 5.19
N VAL B 94 17.85 -3.11 5.99
CA VAL B 94 18.77 -3.20 7.13
C VAL B 94 18.00 -2.78 8.37
N VAL B 95 18.00 -3.65 9.39
CA VAL B 95 17.24 -3.40 10.61
C VAL B 95 17.96 -3.80 11.89
N ALA B 96 17.41 -3.37 13.03
CA ALA B 96 17.93 -3.71 14.35
C ALA B 96 16.73 -3.77 15.29
N PRO B 97 16.77 -4.64 16.31
CA PRO B 97 15.69 -4.78 17.28
C PRO B 97 15.38 -3.51 18.04
N VAL B 98 14.17 -3.44 18.59
CA VAL B 98 13.76 -2.27 19.36
C VAL B 98 14.70 -2.06 20.55
N GLY B 99 14.86 -0.80 20.93
CA GLY B 99 15.73 -0.44 22.04
C GLY B 99 16.06 1.04 22.04
N ASP B 100 16.52 1.57 23.18
CA ASP B 100 16.84 2.99 23.26
C ASP B 100 17.78 3.40 22.14
N ALA B 101 18.62 2.47 21.71
CA ALA B 101 19.54 2.71 20.61
C ALA B 101 19.79 1.41 19.86
N PRO B 102 20.00 1.48 18.53
CA PRO B 102 20.24 0.27 17.76
C PRO B 102 21.54 -0.38 18.19
N VAL B 103 21.52 -1.69 18.39
CA VAL B 103 22.71 -2.43 18.80
C VAL B 103 23.41 -2.93 17.54
N SER B 104 24.62 -2.41 17.30
CA SER B 104 25.40 -2.77 16.13
C SER B 104 25.51 -4.28 15.91
N GLY B 105 25.81 -5.02 16.97
CA GLY B 105 25.95 -6.46 16.87
C GLY B 105 24.67 -7.21 16.51
N LEU B 106 23.52 -6.54 16.61
CA LEU B 106 22.25 -7.18 16.31
C LEU B 106 21.66 -6.73 14.97
N VAL B 107 22.37 -5.84 14.27
CA VAL B 107 21.89 -5.37 12.97
C VAL B 107 21.85 -6.50 11.96
N ARG B 108 20.79 -6.55 11.19
CA ARG B 108 20.57 -7.59 10.19
C ARG B 108 20.31 -6.97 8.82
N ALA B 109 20.65 -7.71 7.77
CA ALA B 109 20.40 -7.26 6.40
C ALA B 109 19.57 -8.33 5.70
N PHE B 110 18.55 -7.90 4.97
CA PHE B 110 17.68 -8.83 4.26
C PHE B 110 17.53 -8.39 2.81
N ARG B 111 17.15 -9.33 1.95
CA ARG B 111 16.95 -9.02 0.54
C ARG B 111 15.57 -9.51 0.14
N SER B 112 14.75 -8.59 -0.36
CA SER B 112 13.41 -8.92 -0.82
C SER B 112 13.54 -9.47 -2.23
N ASN B 113 12.72 -10.45 -2.58
CA ASN B 113 12.77 -11.05 -3.91
C ASN B 113 12.04 -10.22 -4.95
N GLY B 114 11.53 -9.06 -4.55
CA GLY B 114 10.82 -8.20 -5.49
C GLY B 114 9.32 -8.38 -5.41
N ARG B 115 8.87 -9.48 -4.82
CA ARG B 115 7.45 -9.73 -4.67
C ARG B 115 7.10 -9.61 -3.19
N GLN B 116 8.04 -9.08 -2.41
CA GLN B 116 7.83 -8.92 -0.99
C GLN B 116 8.00 -7.50 -0.50
N GLY B 117 7.08 -7.09 0.34
CA GLY B 117 7.15 -5.77 0.93
C GLY B 117 7.43 -6.03 2.40
N VAL B 118 7.68 -4.97 3.16
CA VAL B 118 7.92 -5.12 4.58
C VAL B 118 7.22 -4.05 5.37
N ASN B 119 6.80 -4.38 6.58
CA ASN B 119 6.18 -3.40 7.46
C ASN B 119 6.99 -3.39 8.73
N TYR B 120 7.71 -2.30 8.95
CA TYR B 120 8.54 -2.17 10.16
C TYR B 120 7.62 -1.84 11.33
N HIS B 121 7.67 -2.65 12.38
CA HIS B 121 6.86 -2.40 13.55
C HIS B 121 7.31 -1.11 14.23
N ARG B 122 6.39 -0.49 14.97
CA ARG B 122 6.68 0.75 15.67
C ARG B 122 7.90 0.59 16.59
N GLY B 123 8.85 1.50 16.46
CA GLY B 123 10.04 1.44 17.28
C GLY B 123 11.21 0.64 16.73
N VAL B 124 10.96 -0.15 15.69
CA VAL B 124 12.02 -0.94 15.09
C VAL B 124 12.99 -0.07 14.33
N TRP B 125 14.29 -0.29 14.53
CA TRP B 125 15.31 0.50 13.85
C TRP B 125 15.51 -0.03 12.44
N HIS B 126 15.58 0.88 11.47
CA HIS B 126 15.77 0.47 10.08
C HIS B 126 16.51 1.55 9.29
N HIS B 127 17.09 1.15 8.18
CA HIS B 127 17.85 2.07 7.34
C HIS B 127 16.99 2.65 6.22
N PRO B 128 17.25 3.90 5.83
CA PRO B 128 16.49 4.51 4.74
C PRO B 128 16.52 3.54 3.56
N VAL B 129 15.41 3.49 2.82
CA VAL B 129 15.26 2.59 1.68
C VAL B 129 16.53 2.36 0.85
N LEU B 130 16.90 1.09 0.69
CA LEU B 130 18.08 0.71 -0.08
C LEU B 130 17.70 -0.06 -1.32
N THR B 131 17.69 0.63 -2.45
CA THR B 131 17.34 0.00 -3.73
C THR B 131 18.52 -0.74 -4.32
N ILE B 132 18.22 -1.63 -5.25
CA ILE B 132 19.25 -2.39 -5.94
C ILE B 132 19.36 -1.81 -7.34
N GLU B 133 18.21 -1.46 -7.92
CA GLU B 133 18.19 -0.85 -9.25
C GLU B 133 18.57 0.62 -9.10
N LYS B 134 19.03 1.24 -10.18
CA LYS B 134 19.45 2.64 -10.16
C LYS B 134 18.38 3.53 -9.52
N ARG B 135 17.13 3.26 -9.86
CA ARG B 135 16.00 3.98 -9.32
C ARG B 135 14.87 2.98 -9.13
N ASP B 136 14.05 3.19 -8.11
CA ASP B 136 12.96 2.27 -7.86
C ASP B 136 11.79 2.97 -7.16
N ASP B 137 10.58 2.46 -7.36
CA ASP B 137 9.38 3.02 -6.75
C ASP B 137 8.80 2.10 -5.69
N PHE B 138 8.41 2.68 -4.56
CA PHE B 138 7.84 1.93 -3.44
C PHE B 138 6.55 2.58 -2.96
N LEU B 139 5.57 1.77 -2.59
CA LEU B 139 4.35 2.30 -2.04
C LEU B 139 4.67 2.31 -0.54
N VAL B 140 4.40 3.42 0.13
CA VAL B 140 4.68 3.52 1.56
C VAL B 140 3.42 3.84 2.34
N VAL B 141 3.20 3.09 3.41
CA VAL B 141 2.04 3.31 4.24
C VAL B 141 2.58 3.55 5.64
N ASP B 142 2.35 4.75 6.17
CA ASP B 142 2.83 5.06 7.50
C ASP B 142 1.94 6.02 8.28
N ARG B 143 2.40 6.40 9.46
CA ARG B 143 1.64 7.27 10.34
C ARG B 143 1.88 8.76 10.09
N SER B 144 0.80 9.54 10.18
CA SER B 144 0.84 10.98 10.00
C SER B 144 0.16 11.62 11.20
N GLY B 145 0.88 12.43 11.95
CA GLY B 145 0.31 13.07 13.11
C GLY B 145 1.27 14.04 13.76
N SER B 146 0.87 14.59 14.91
CA SER B 146 1.71 15.55 15.62
C SER B 146 2.80 14.86 16.45
N GLY B 147 3.76 15.65 16.91
CA GLY B 147 4.84 15.10 17.71
C GLY B 147 6.07 14.75 16.91
N ASN B 148 6.95 13.94 17.51
CA ASN B 148 8.18 13.53 16.86
C ASN B 148 8.11 12.06 16.46
N ASN B 149 8.08 11.78 15.16
CA ASN B 149 8.01 10.40 14.72
C ASN B 149 9.19 9.93 13.88
N CYS B 150 10.39 10.37 14.27
CA CYS B 150 11.59 9.96 13.56
C CYS B 150 12.85 10.19 14.37
N ASP B 151 13.47 9.10 14.80
CA ASP B 151 14.71 9.16 15.57
C ASP B 151 15.85 8.62 14.72
N GLU B 152 16.85 9.46 14.46
CA GLU B 152 18.01 9.05 13.67
C GLU B 152 19.22 8.89 14.59
N HIS B 153 19.70 7.66 14.72
CA HIS B 153 20.84 7.39 15.60
C HIS B 153 22.11 7.04 14.82
N TYR B 154 23.15 7.85 15.00
CA TYR B 154 24.42 7.60 14.32
C TYR B 154 25.37 6.74 15.14
N PHE B 155 25.90 5.71 14.50
CA PHE B 155 26.83 4.78 15.15
C PHE B 155 28.21 5.41 15.32
N THR B 156 28.98 4.87 16.25
CA THR B 156 30.34 5.35 16.46
C THR B 156 31.12 4.66 15.35
N GLU B 157 32.35 5.08 15.12
CA GLU B 157 33.17 4.50 14.08
C GLU B 157 33.30 2.98 14.19
N GLU B 158 33.51 2.47 15.40
CA GLU B 158 33.67 1.03 15.59
C GLU B 158 32.34 0.26 15.56
N GLN B 159 31.22 0.98 15.58
CA GLN B 159 29.91 0.33 15.55
C GLN B 159 29.35 0.29 14.12
N LEU B 161 28.73 -0.54 10.23
CA LEU B 161 28.70 -1.81 9.52
C LEU B 161 28.96 -1.61 8.03
N ILE B 162 29.23 -2.71 7.34
CA ILE B 162 29.47 -2.65 5.92
C ILE B 162 28.45 -3.53 5.19
N LEU B 163 27.77 -2.94 4.21
CA LEU B 163 26.80 -3.67 3.42
C LEU B 163 27.45 -3.84 2.04
N ASN B 164 27.87 -5.06 1.73
CA ASN B 164 28.54 -5.35 0.47
C ASN B 164 27.83 -6.50 -0.27
N PRO B 165 26.83 -6.18 -1.09
CA PRO B 165 26.07 -7.18 -1.84
C PRO B 165 26.85 -7.81 -3.00
N HIS B 166 27.96 -7.19 -3.37
CA HIS B 166 28.78 -7.69 -4.47
C HIS B 166 30.21 -7.97 -3.99
#